data_5T1J
#
_entry.id   5T1J
#
_cell.length_a   70.450
_cell.length_b   70.450
_cell.length_c   438.389
_cell.angle_alpha   90.00
_cell.angle_beta   90.00
_cell.angle_gamma   120.00
#
_symmetry.space_group_name_H-M   'P 61'
#
loop_
_entity.id
_entity.type
_entity.pdbx_description
1 polymer 'T-box transcription factor TBX21'
2 polymer DNA
#
loop_
_entity_poly.entity_id
_entity_poly.type
_entity_poly.pdbx_seq_one_letter_code
_entity_poly.pdbx_strand_id
1 'polypeptide(L)'
;MRGSHHHHHHGSKLRVALSNHLLWSKFNQHQTEMIITKQGRRMFPFLSFTVAGLEPTSHYRMFVDVVLVDQHHWRYQSGK
WVQCGKAEGSMPGNRLYVHPDSPNTGAHWMRQEVSFGKLKLTNNKGASNNVTQMIVLQSLHKYQPRLHIVEVNDGEPEAA
CSASNTHVFTFQETQFIAVTAYQNAEITQLKIDNNPFAKGFREN
;
A,B
2 'polydeoxyribonucleotide'
;(DA)(DA)(DT)(DT)(DT)(DC)(DA)(DC)(DA)(DC)(DC)(DT)(DA)(DG)(DG)(DT)(DG)(DT)(DG)(DA)
(DA)(DA)(DT)(DT)
;
C,D,E,F
#
loop_
_chem_comp.id
_chem_comp.type
_chem_comp.name
_chem_comp.formula
DA DNA linking 2'-DEOXYADENOSINE-5'-MONOPHOSPHATE 'C10 H14 N5 O6 P'
DC DNA linking 2'-DEOXYCYTIDINE-5'-MONOPHOSPHATE 'C9 H14 N3 O7 P'
DG DNA linking 2'-DEOXYGUANOSINE-5'-MONOPHOSPHATE 'C10 H14 N5 O7 P'
DT DNA linking THYMIDINE-5'-MONOPHOSPHATE 'C10 H15 N2 O8 P'
#
# COMPACT_ATOMS: atom_id res chain seq x y z
N LYS A 13 -24.88 5.24 -6.62
CA LYS A 13 -23.81 4.25 -6.60
C LYS A 13 -22.52 4.89 -7.10
N LEU A 14 -21.44 4.68 -6.36
CA LEU A 14 -20.06 4.88 -6.82
C LEU A 14 -19.62 6.36 -6.93
N ARG A 15 -20.34 7.29 -6.32
CA ARG A 15 -20.07 8.70 -6.63
C ARG A 15 -18.91 9.30 -5.85
N VAL A 16 -17.80 9.57 -6.53
CA VAL A 16 -16.69 10.27 -5.89
C VAL A 16 -16.40 11.61 -6.56
N ALA A 17 -16.80 12.65 -5.85
CA ALA A 17 -16.64 14.00 -6.32
C ALA A 17 -15.32 14.54 -5.79
N LEU A 18 -14.89 15.68 -6.30
CA LEU A 18 -13.66 16.32 -5.81
C LEU A 18 -13.96 17.62 -5.07
N SER A 19 -13.34 17.78 -3.90
CA SER A 19 -13.35 19.06 -3.19
C SER A 19 -12.00 19.71 -3.48
N ASN A 20 -11.87 20.99 -3.15
CA ASN A 20 -10.73 21.81 -3.62
C ASN A 20 -10.85 21.93 -5.13
N HIS A 21 -12.02 21.54 -5.62
CA HIS A 21 -12.28 21.35 -7.04
C HIS A 21 -11.82 22.56 -7.83
N LEU A 22 -12.26 23.74 -7.40
CA LEU A 22 -11.81 24.98 -8.02
C LEU A 22 -10.29 25.12 -7.90
N LEU A 23 -9.73 24.76 -6.74
CA LEU A 23 -8.31 25.00 -6.47
C LEU A 23 -7.46 24.19 -7.42
N TRP A 24 -7.95 23.01 -7.73
CA TRP A 24 -7.23 22.13 -8.61
C TRP A 24 -7.23 22.72 -10.03
N SER A 25 -8.33 23.33 -10.43
CA SER A 25 -8.40 23.92 -11.77
C SER A 25 -7.46 25.14 -11.95
N LYS A 26 -7.46 26.05 -10.96
CA LYS A 26 -6.51 27.16 -10.85
C LYS A 26 -5.08 26.64 -11.01
N PHE A 27 -4.75 25.57 -10.32
CA PHE A 27 -3.38 25.10 -10.40
C PHE A 27 -3.17 24.34 -11.70
N ASN A 28 -4.25 23.90 -12.34
CA ASN A 28 -4.13 23.01 -13.49
C ASN A 28 -3.71 23.70 -14.77
N GLN A 29 -4.47 24.73 -15.15
CA GLN A 29 -4.26 25.48 -16.40
C GLN A 29 -2.84 25.97 -16.61
N HIS A 30 -2.19 26.28 -15.50
CA HIS A 30 -0.84 26.84 -15.48
C HIS A 30 0.16 25.70 -15.19
N GLN A 31 -0.23 24.47 -15.56
CA GLN A 31 0.53 23.21 -15.43
C GLN A 31 1.15 22.92 -14.03
N THR A 32 0.51 22.01 -13.30
CA THR A 32 0.75 21.90 -11.86
C THR A 32 2.16 21.45 -11.51
N GLU A 33 2.68 21.90 -10.36
CA GLU A 33 4.07 21.56 -10.00
C GLU A 33 4.13 21.15 -8.53
N MET A 34 4.55 19.92 -8.25
CA MET A 34 4.76 19.45 -6.88
C MET A 34 6.25 19.30 -6.61
N ILE A 35 6.69 19.86 -5.50
CA ILE A 35 8.08 19.84 -5.13
C ILE A 35 8.42 18.57 -4.37
N ILE A 36 9.45 17.87 -4.80
CA ILE A 36 9.84 16.62 -4.21
C ILE A 36 11.18 16.81 -3.51
N THR A 37 11.43 16.08 -2.43
CA THR A 37 12.65 16.31 -1.66
C THR A 37 13.06 15.09 -0.88
N LYS A 38 14.38 14.93 -0.74
CA LYS A 38 15.01 13.90 0.07
C LYS A 38 14.24 13.63 1.34
N GLN A 39 13.93 14.66 2.13
CA GLN A 39 13.25 14.38 3.38
C GLN A 39 11.77 14.10 3.11
N GLY A 40 11.19 14.81 2.16
CA GLY A 40 9.79 14.58 1.87
C GLY A 40 9.03 15.89 1.76
N ARG A 41 7.95 15.84 1.00
CA ARG A 41 7.17 17.06 0.82
C ARG A 41 5.74 16.68 0.55
N ARG A 42 4.80 17.32 1.24
CA ARG A 42 3.42 16.95 1.02
C ARG A 42 2.87 17.71 -0.14
N MET A 43 2.02 17.06 -0.91
CA MET A 43 1.26 17.69 -1.95
C MET A 43 0.49 18.96 -1.57
N PHE A 44 0.42 19.86 -2.55
CA PHE A 44 -0.44 21.04 -2.51
C PHE A 44 -0.86 21.36 -3.91
N PRO A 45 -2.17 21.43 -4.18
CA PRO A 45 -3.25 21.26 -3.21
C PRO A 45 -3.57 19.77 -3.03
N PHE A 46 -3.24 19.24 -1.85
CA PHE A 46 -3.29 17.82 -1.61
C PHE A 46 -4.64 17.14 -1.93
N LEU A 47 -4.58 16.04 -2.66
CA LEU A 47 -5.75 15.28 -3.08
C LEU A 47 -6.72 15.12 -1.91
N SER A 48 -7.95 15.62 -2.07
CA SER A 48 -8.90 15.60 -0.95
C SER A 48 -10.32 15.74 -1.42
N PHE A 49 -11.16 14.76 -1.15
CA PHE A 49 -12.50 14.88 -1.67
C PHE A 49 -13.63 14.17 -0.92
N THR A 50 -14.65 13.79 -1.68
CA THR A 50 -15.92 13.34 -1.13
C THR A 50 -16.43 12.12 -1.87
N VAL A 51 -17.06 11.22 -1.11
CA VAL A 51 -17.43 9.90 -1.61
C VAL A 51 -18.87 9.56 -1.26
N ALA A 52 -19.52 8.87 -2.19
CA ALA A 52 -20.89 8.38 -2.01
C ALA A 52 -21.13 7.14 -2.86
N GLY A 53 -22.24 6.47 -2.58
CA GLY A 53 -22.63 5.29 -3.34
C GLY A 53 -22.24 4.00 -2.63
N LEU A 54 -21.83 4.16 -1.37
CA LEU A 54 -21.39 3.02 -0.59
C LEU A 54 -22.44 2.68 0.50
N GLU A 55 -22.36 1.47 1.09
CA GLU A 55 -23.25 1.06 2.19
C GLU A 55 -22.60 1.14 3.58
N PRO A 56 -23.37 1.58 4.60
CA PRO A 56 -22.87 2.03 5.91
C PRO A 56 -22.14 0.99 6.72
N THR A 57 -22.69 -0.22 6.79
CA THR A 57 -22.14 -1.26 7.65
C THR A 57 -21.34 -2.28 6.85
N SER A 58 -21.18 -2.01 5.56
CA SER A 58 -20.09 -2.54 4.76
C SER A 58 -18.84 -1.72 5.08
N HIS A 59 -17.64 -2.17 4.69
CA HIS A 59 -16.48 -1.30 4.80
C HIS A 59 -15.45 -1.54 3.68
N TYR A 60 -14.56 -0.56 3.50
CA TYR A 60 -13.82 -0.45 2.22
C TYR A 60 -12.36 0.06 2.36
N ARG A 61 -11.53 -0.25 1.36
CA ARG A 61 -10.13 0.21 1.32
C ARG A 61 -9.95 1.53 0.54
N MET A 62 -9.31 2.52 1.17
CA MET A 62 -8.99 3.75 0.44
C MET A 62 -7.52 4.13 0.53
N PHE A 63 -6.85 3.89 -0.58
CA PHE A 63 -5.48 4.27 -0.76
C PHE A 63 -5.38 5.03 -2.08
N VAL A 64 -4.32 5.81 -2.24
CA VAL A 64 -4.19 6.51 -3.47
C VAL A 64 -2.82 6.13 -3.96
N ASP A 65 -2.70 6.02 -5.27
CA ASP A 65 -1.43 5.81 -5.90
C ASP A 65 -1.29 6.82 -7.10
N VAL A 66 -0.10 7.40 -7.29
CA VAL A 66 0.17 8.30 -8.39
C VAL A 66 0.83 7.59 -9.58
N VAL A 67 0.05 7.32 -10.62
CA VAL A 67 0.56 6.69 -11.84
C VAL A 67 1.23 7.73 -12.74
N LEU A 68 2.24 7.30 -13.50
CA LEU A 68 3.00 8.15 -14.43
C LEU A 68 2.38 8.28 -15.82
N VAL A 69 2.13 9.53 -16.24
CA VAL A 69 1.33 9.84 -17.43
C VAL A 69 2.02 9.56 -18.74
N ASP A 70 3.32 9.88 -18.84
CA ASP A 70 4.09 9.24 -19.91
C ASP A 70 5.61 9.26 -19.73
N GLN A 71 6.22 8.29 -20.40
CA GLN A 71 7.63 7.93 -20.34
C GLN A 71 8.63 9.08 -20.33
N HIS A 72 8.27 10.19 -20.98
CA HIS A 72 9.27 11.15 -21.43
C HIS A 72 9.74 12.08 -20.31
N HIS A 73 11.01 12.48 -20.43
CA HIS A 73 11.66 13.46 -19.58
C HIS A 73 11.10 14.86 -19.89
N TRP A 74 11.24 15.85 -19.00
CA TRP A 74 10.65 17.17 -19.27
C TRP A 74 11.54 18.35 -18.85
N ARG A 75 11.35 19.50 -19.50
CA ARG A 75 12.13 20.69 -19.18
C ARG A 75 11.41 22.01 -19.43
N TYR A 76 11.82 23.08 -18.76
CA TYR A 76 11.06 24.33 -18.90
C TYR A 76 11.83 25.32 -19.71
N GLN A 77 11.73 25.26 -21.04
CA GLN A 77 12.22 26.35 -21.86
C GLN A 77 11.11 27.32 -22.04
N SER A 78 11.54 28.55 -22.25
CA SER A 78 10.75 29.68 -22.72
C SER A 78 9.34 29.75 -22.17
N GLY A 79 9.22 29.48 -20.87
CA GLY A 79 7.94 29.38 -20.21
C GLY A 79 7.08 28.31 -20.85
N LYS A 80 7.69 27.15 -21.09
CA LYS A 80 7.04 26.08 -21.78
C LYS A 80 7.56 24.75 -21.28
N TRP A 81 6.65 23.86 -20.90
CA TRP A 81 7.04 22.50 -20.59
C TRP A 81 7.18 21.74 -21.88
N VAL A 82 8.34 21.13 -22.06
CA VAL A 82 8.61 20.44 -23.30
C VAL A 82 9.32 19.14 -22.98
N GLN A 83 9.02 18.13 -23.78
CA GLN A 83 9.67 16.84 -23.69
C GLN A 83 11.16 16.94 -24.02
N CYS A 84 11.93 15.95 -23.56
CA CYS A 84 13.37 15.89 -23.84
C CYS A 84 13.79 14.42 -23.96
N GLY A 85 15.06 14.20 -24.29
CA GLY A 85 15.59 12.86 -24.48
C GLY A 85 14.68 11.98 -25.32
N LYS A 86 14.32 10.84 -24.73
CA LYS A 86 13.32 9.90 -25.24
C LYS A 86 13.07 8.92 -24.12
N ALA A 87 12.07 8.06 -24.31
CA ALA A 87 11.55 7.19 -23.24
C ALA A 87 12.63 6.44 -22.44
N GLU A 88 12.42 6.31 -21.12
CA GLU A 88 13.35 5.63 -20.21
C GLU A 88 12.57 4.89 -19.15
N GLY A 89 11.87 5.65 -18.30
CA GLY A 89 11.01 5.14 -17.25
C GLY A 89 11.49 4.02 -16.33
N SER A 90 11.89 4.36 -15.10
CA SER A 90 12.09 3.34 -14.04
C SER A 90 10.76 2.61 -13.80
N MET A 91 9.70 3.10 -14.45
CA MET A 91 8.40 2.44 -14.52
C MET A 91 7.62 3.02 -15.74
N PRO A 92 6.27 3.33 -15.69
CA PRO A 92 4.99 3.70 -15.04
C PRO A 92 4.96 3.93 -13.52
N GLY A 93 5.77 4.90 -13.07
CA GLY A 93 6.03 5.15 -11.65
C GLY A 93 4.89 5.23 -10.66
N ASN A 94 5.16 4.76 -9.44
CA ASN A 94 4.17 4.89 -8.36
C ASN A 94 4.71 4.40 -7.01
N ARG A 95 3.95 4.67 -5.95
CA ARG A 95 4.10 4.05 -4.63
C ARG A 95 2.81 4.34 -3.93
N LEU A 96 2.21 3.27 -3.41
CA LEU A 96 0.90 3.42 -2.85
C LEU A 96 0.93 4.30 -1.59
N TYR A 97 -0.20 4.95 -1.33
CA TYR A 97 -0.44 5.64 -0.07
C TYR A 97 -1.87 5.40 0.41
N VAL A 98 -1.99 4.48 1.38
CA VAL A 98 -3.21 4.16 2.10
C VAL A 98 -3.52 5.18 3.19
N HIS A 99 -4.76 5.66 3.22
CA HIS A 99 -5.24 6.61 4.23
C HIS A 99 -4.85 6.24 5.67
N PRO A 100 -4.33 7.20 6.45
CA PRO A 100 -4.00 6.81 7.84
C PRO A 100 -5.09 6.05 8.61
N ASP A 101 -6.36 6.35 8.28
CA ASP A 101 -7.54 5.79 8.93
C ASP A 101 -8.34 4.82 8.03
N SER A 102 -7.60 3.95 7.32
CA SER A 102 -8.13 2.83 6.52
C SER A 102 -7.58 1.48 7.02
N PRO A 103 -8.42 0.43 6.99
CA PRO A 103 -9.80 0.42 6.48
C PRO A 103 -10.75 0.97 7.49
N ASN A 104 -11.98 1.28 7.07
CA ASN A 104 -12.93 1.81 8.03
C ASN A 104 -14.33 1.81 7.42
N THR A 105 -15.36 1.88 8.26
CA THR A 105 -16.75 1.68 7.82
C THR A 105 -17.16 2.62 6.69
N GLY A 106 -18.08 2.16 5.86
CA GLY A 106 -18.59 2.98 4.78
C GLY A 106 -19.07 4.32 5.28
N ALA A 107 -19.80 4.30 6.40
CA ALA A 107 -20.29 5.55 6.97
C ALA A 107 -19.11 6.46 7.33
N HIS A 108 -18.02 5.87 7.82
CA HIS A 108 -16.82 6.66 8.13
C HIS A 108 -16.20 7.30 6.90
N TRP A 109 -16.35 6.68 5.75
CA TRP A 109 -15.91 7.39 4.57
C TRP A 109 -16.86 8.54 4.33
N MET A 110 -18.15 8.24 4.15
CA MET A 110 -19.13 9.28 3.90
C MET A 110 -19.24 10.36 4.99
N ARG A 111 -18.86 10.01 6.23
CA ARG A 111 -18.61 11.00 7.30
C ARG A 111 -18.43 12.45 6.92
N GLN A 112 -17.18 12.64 6.52
CA GLN A 112 -16.50 13.89 6.42
C GLN A 112 -15.40 13.78 5.41
N GLU A 113 -14.64 14.87 5.37
CA GLU A 113 -13.22 14.89 5.04
C GLU A 113 -12.52 13.53 4.78
N VAL A 114 -12.29 13.16 3.52
CA VAL A 114 -11.25 12.17 3.26
C VAL A 114 -10.08 12.91 2.57
N SER A 115 -9.26 13.49 3.43
CA SER A 115 -8.10 14.27 3.05
C SER A 115 -6.87 13.39 2.95
N PHE A 116 -5.96 13.75 2.04
CA PHE A 116 -4.66 13.07 1.98
C PHE A 116 -3.59 14.13 2.21
N GLY A 117 -3.86 15.01 3.19
CA GLY A 117 -3.03 16.17 3.47
C GLY A 117 -1.61 15.97 3.97
N LYS A 118 -1.24 14.73 4.31
CA LYS A 118 0.13 14.53 4.79
C LYS A 118 0.99 13.65 3.87
N LEU A 119 0.37 13.13 2.80
CA LEU A 119 1.06 12.33 1.82
C LEU A 119 2.33 13.04 1.51
N LYS A 120 3.51 12.48 1.74
CA LYS A 120 4.70 13.24 1.37
C LYS A 120 5.28 12.68 0.06
N LEU A 121 5.99 13.54 -0.69
CA LEU A 121 6.68 13.13 -1.93
C LEU A 121 8.19 13.38 -1.84
N THR A 122 8.97 12.56 -2.56
CA THR A 122 10.44 12.52 -2.44
C THR A 122 11.20 11.93 -3.63
N ASN A 123 12.53 11.79 -3.49
CA ASN A 123 13.40 11.21 -4.51
C ASN A 123 14.37 10.08 -4.08
N ASN A 124 14.16 9.46 -2.90
CA ASN A 124 15.00 8.32 -2.46
C ASN A 124 14.36 6.94 -2.62
N LYS A 125 14.68 6.26 -3.73
CA LYS A 125 14.15 4.92 -4.05
C LYS A 125 14.84 3.88 -3.14
N GLY A 126 15.84 4.34 -2.39
CA GLY A 126 16.39 3.58 -1.28
C GLY A 126 15.95 4.35 -0.05
N ALA A 127 14.71 4.07 0.36
CA ALA A 127 13.98 4.87 1.33
C ALA A 127 14.13 4.37 2.76
N SER A 128 15.36 3.98 3.12
CA SER A 128 15.69 3.70 4.50
C SER A 128 14.93 2.48 4.99
N ASN A 129 15.11 1.35 4.30
CA ASN A 129 14.31 0.13 4.49
C ASN A 129 12.82 0.35 4.78
N ASN A 130 12.24 1.31 4.06
CA ASN A 130 10.95 1.96 4.36
C ASN A 130 10.88 2.67 5.73
N VAL A 131 10.00 2.22 6.62
CA VAL A 131 9.49 3.05 7.72
C VAL A 131 9.28 4.49 7.25
N THR A 132 8.56 4.64 6.12
CA THR A 132 8.24 5.95 5.49
C THR A 132 6.77 6.08 5.04
N GLN A 133 6.38 5.25 4.08
CA GLN A 133 5.06 5.29 3.42
C GLN A 133 4.88 6.66 2.74
N MET A 134 5.80 6.98 1.85
CA MET A 134 5.70 8.23 1.14
C MET A 134 6.13 7.95 -0.29
N ILE A 135 5.44 8.59 -1.23
CA ILE A 135 5.68 8.30 -2.63
C ILE A 135 7.01 8.84 -3.03
N VAL A 136 7.76 8.03 -3.75
CA VAL A 136 9.06 8.45 -4.16
C VAL A 136 8.95 8.61 -5.68
N LEU A 137 9.19 9.84 -6.12
CA LEU A 137 8.97 10.21 -7.52
C LEU A 137 10.23 10.67 -8.22
N GLN A 138 10.21 10.59 -9.54
CA GLN A 138 11.33 11.06 -10.33
C GLN A 138 11.13 12.51 -10.69
N SER A 139 12.20 13.27 -10.48
CA SER A 139 12.22 14.66 -10.81
C SER A 139 11.91 14.82 -12.29
N LEU A 140 11.15 15.84 -12.59
CA LEU A 140 10.92 16.26 -13.96
C LEU A 140 10.23 15.16 -14.78
N HIS A 141 9.09 14.68 -14.28
CA HIS A 141 8.24 13.76 -15.05
C HIS A 141 6.79 14.11 -14.78
N LYS A 142 5.87 13.73 -15.68
CA LYS A 142 4.48 14.05 -15.38
C LYS A 142 3.74 12.79 -15.02
N TYR A 143 3.18 12.91 -13.82
CA TYR A 143 2.47 11.91 -13.05
C TYR A 143 0.98 12.20 -12.88
N GLN A 144 0.25 11.32 -12.23
CA GLN A 144 -1.17 11.54 -12.04
C GLN A 144 -1.73 10.77 -10.84
N PRO A 145 -2.24 11.50 -9.85
CA PRO A 145 -2.88 10.89 -8.69
C PRO A 145 -4.10 10.12 -9.16
N ARG A 146 -4.30 8.97 -8.53
CA ARG A 146 -5.35 8.04 -8.88
C ARG A 146 -5.79 7.34 -7.59
N LEU A 147 -7.10 7.30 -7.27
CA LEU A 147 -7.54 6.58 -6.02
C LEU A 147 -8.53 5.46 -6.21
N HIS A 148 -8.31 4.39 -5.45
CA HIS A 148 -9.13 3.20 -5.59
C HIS A 148 -9.90 2.94 -4.34
N ILE A 149 -11.00 2.24 -4.53
CA ILE A 149 -11.76 1.78 -3.42
C ILE A 149 -12.05 0.30 -3.61
N VAL A 150 -11.19 -0.49 -3.01
CA VAL A 150 -11.35 -1.92 -2.93
C VAL A 150 -12.22 -2.17 -1.71
N GLU A 151 -13.36 -2.82 -1.91
CA GLU A 151 -14.22 -3.26 -0.79
C GLU A 151 -14.07 -4.75 -0.47
N VAL A 152 -14.26 -5.11 0.79
CA VAL A 152 -13.91 -6.46 1.27
C VAL A 152 -15.11 -7.28 1.81
N ASN A 153 -15.32 -8.46 1.23
CA ASN A 153 -16.48 -9.32 1.52
C ASN A 153 -16.23 -10.41 2.58
N ASP A 154 -17.23 -11.28 2.76
CA ASP A 154 -17.18 -12.50 3.57
C ASP A 154 -17.38 -13.69 2.68
N GLY A 155 -16.61 -14.75 2.92
CA GLY A 155 -16.64 -15.91 2.05
C GLY A 155 -15.54 -15.99 1.02
N GLU A 156 -14.80 -17.09 1.04
CA GLU A 156 -13.66 -17.27 0.13
C GLU A 156 -13.68 -18.65 -0.54
N PRO A 157 -14.65 -18.92 -1.44
CA PRO A 157 -14.57 -20.14 -2.24
C PRO A 157 -13.39 -20.15 -3.22
N GLU A 158 -13.63 -20.76 -4.37
CA GLU A 158 -12.76 -20.58 -5.52
C GLU A 158 -13.52 -19.95 -6.70
N ALA A 159 -13.86 -18.66 -6.65
CA ALA A 159 -13.58 -17.73 -5.55
C ALA A 159 -14.64 -16.60 -5.48
N ALA A 160 -15.87 -16.94 -5.07
CA ALA A 160 -16.94 -15.94 -4.97
C ALA A 160 -18.11 -16.37 -4.07
N CYS A 161 -18.46 -15.52 -3.10
CA CYS A 161 -19.60 -15.73 -2.19
C CYS A 161 -21.08 -15.57 -2.68
N SER A 162 -21.40 -14.91 -3.80
CA SER A 162 -20.46 -14.33 -4.75
C SER A 162 -20.22 -12.84 -4.56
N ALA A 163 -18.97 -12.48 -4.31
CA ALA A 163 -18.57 -11.07 -4.21
C ALA A 163 -17.05 -10.88 -4.18
N SER A 164 -16.52 -10.11 -5.13
CA SER A 164 -15.16 -9.58 -5.03
C SER A 164 -15.09 -8.27 -5.82
N ASN A 165 -14.22 -7.34 -5.43
CA ASN A 165 -14.32 -6.00 -6.01
C ASN A 165 -13.22 -5.50 -6.92
N THR A 166 -13.63 -4.79 -7.98
CA THR A 166 -12.71 -4.39 -9.02
C THR A 166 -12.73 -2.85 -9.30
N HIS A 167 -12.30 -2.00 -8.36
CA HIS A 167 -12.59 -0.55 -8.52
C HIS A 167 -11.47 0.47 -8.29
N VAL A 168 -11.32 1.37 -9.27
CA VAL A 168 -10.26 2.39 -9.35
C VAL A 168 -10.77 3.75 -9.89
N PHE A 169 -10.41 4.88 -9.28
CA PHE A 169 -10.79 6.20 -9.84
C PHE A 169 -9.59 7.09 -10.18
N THR A 170 -9.66 7.84 -11.28
CA THR A 170 -8.56 8.70 -11.76
C THR A 170 -9.07 10.14 -11.83
N PHE A 171 -8.20 11.14 -11.59
CA PHE A 171 -8.56 12.56 -11.85
C PHE A 171 -7.53 13.17 -12.78
N GLN A 172 -7.94 13.70 -13.92
CA GLN A 172 -6.94 14.17 -14.86
C GLN A 172 -6.57 15.64 -14.59
N GLU A 173 -7.50 16.41 -14.01
CA GLU A 173 -7.22 17.78 -13.61
C GLU A 173 -6.37 17.84 -12.35
N THR A 174 -5.58 16.79 -12.15
CA THR A 174 -4.72 16.68 -11.00
C THR A 174 -3.37 16.17 -11.43
N GLN A 175 -3.06 16.17 -12.73
CA GLN A 175 -1.73 15.77 -13.18
C GLN A 175 -0.72 16.70 -12.52
N PHE A 176 0.56 16.38 -12.62
CA PHE A 176 1.56 17.37 -12.24
C PHE A 176 2.92 16.90 -12.64
N ILE A 177 3.89 17.68 -12.23
CA ILE A 177 5.25 17.52 -12.66
C ILE A 177 6.06 17.49 -11.39
N ALA A 178 6.99 16.59 -11.31
CA ALA A 178 7.74 16.58 -10.09
C ALA A 178 8.91 17.47 -10.26
N VAL A 179 9.04 18.48 -9.42
CA VAL A 179 10.21 19.32 -9.58
C VAL A 179 10.96 19.48 -8.31
N THR A 180 12.28 19.61 -8.45
CA THR A 180 13.11 19.88 -7.29
C THR A 180 12.98 21.32 -6.87
N ALA A 181 12.49 22.17 -7.76
CA ALA A 181 12.26 23.55 -7.43
C ALA A 181 11.41 24.19 -8.53
N TYR A 182 10.58 25.15 -8.16
CA TYR A 182 9.54 25.62 -9.05
C TYR A 182 10.09 26.33 -10.33
N GLN A 183 9.36 26.16 -11.43
CA GLN A 183 9.76 26.74 -12.69
C GLN A 183 8.93 27.99 -13.10
N ASN A 184 7.74 27.76 -13.64
CA ASN A 184 6.75 28.80 -13.80
C ASN A 184 6.61 29.53 -12.46
N ALA A 185 6.49 30.86 -12.51
CA ALA A 185 6.44 31.70 -11.34
C ALA A 185 5.02 32.06 -10.90
N GLU A 186 4.03 31.83 -11.76
CA GLU A 186 2.61 32.03 -11.38
C GLU A 186 2.23 30.96 -10.39
N ILE A 187 2.77 29.75 -10.59
CA ILE A 187 2.43 28.65 -9.71
C ILE A 187 3.07 28.89 -8.36
N THR A 188 4.37 29.16 -8.33
CA THR A 188 4.97 29.64 -7.08
C THR A 188 4.09 30.67 -6.40
N GLN A 189 3.57 31.65 -7.14
CA GLN A 189 2.63 32.57 -6.53
C GLN A 189 1.32 31.87 -6.06
N LEU A 190 0.68 31.13 -6.96
CA LEU A 190 -0.59 30.45 -6.70
C LEU A 190 -0.53 29.66 -5.38
N LYS A 191 0.59 28.98 -5.14
CA LYS A 191 0.83 28.30 -3.88
C LYS A 191 0.84 29.34 -2.77
N ILE A 192 1.82 30.26 -2.78
CA ILE A 192 1.96 31.28 -1.73
C ILE A 192 0.66 31.87 -1.17
N ASP A 193 -0.30 32.21 -2.02
CA ASP A 193 -1.55 32.75 -1.49
C ASP A 193 -2.45 31.64 -0.92
N ASN A 194 -2.48 30.50 -1.58
CA ASN A 194 -3.35 29.43 -1.11
C ASN A 194 -2.74 28.50 -0.04
N ASN A 195 -1.43 28.63 0.26
CA ASN A 195 -0.83 27.79 1.30
C ASN A 195 -0.60 28.55 2.60
N PRO A 196 -1.30 28.11 3.64
CA PRO A 196 -1.29 28.59 5.03
C PRO A 196 0.07 28.50 5.71
N PHE A 197 1.01 27.73 5.16
CA PHE A 197 2.34 27.75 5.74
C PHE A 197 3.20 28.77 5.01
N ALA A 198 2.60 29.53 4.07
CA ALA A 198 3.38 30.28 3.12
C ALA A 198 3.04 31.75 3.14
N LYS A 199 2.50 32.22 4.26
CA LYS A 199 2.01 33.59 4.26
C LYS A 199 3.00 34.56 4.86
N GLY A 200 4.18 34.08 5.25
CA GLY A 200 5.30 34.98 5.50
C GLY A 200 5.58 35.81 4.24
N PHE A 201 5.40 35.17 3.10
CA PHE A 201 5.84 35.69 1.83
C PHE A 201 4.73 36.24 0.94
N ARG A 202 3.85 37.10 1.42
CA ARG A 202 2.91 37.70 0.45
C ARG A 202 2.49 39.17 0.58
N GLU A 203 2.38 39.69 1.80
CA GLU A 203 1.97 41.08 1.96
C GLU A 203 3.19 41.95 1.64
N ASN A 204 4.32 41.26 1.50
CA ASN A 204 5.55 41.79 0.92
C ASN A 204 5.38 42.09 -0.57
N LYS B 13 2.29 -18.75 -17.46
CA LYS B 13 1.52 -17.65 -16.89
C LYS B 13 1.31 -17.91 -15.39
N LEU B 14 1.57 -16.90 -14.58
CA LEU B 14 1.02 -16.85 -13.22
C LEU B 14 1.65 -17.82 -12.21
N ARG B 15 2.79 -18.42 -12.50
CA ARG B 15 3.25 -19.48 -11.61
C ARG B 15 3.99 -18.88 -10.41
N VAL B 16 3.36 -18.92 -9.24
CA VAL B 16 4.01 -18.45 -8.02
C VAL B 16 4.18 -19.58 -7.01
N ALA B 17 5.42 -20.02 -6.90
CA ALA B 17 5.72 -21.11 -6.00
C ALA B 17 6.06 -20.50 -4.65
N LEU B 18 6.14 -21.35 -3.62
CA LEU B 18 6.54 -20.90 -2.31
C LEU B 18 7.92 -21.45 -2.02
N SER B 19 8.81 -20.58 -1.54
CA SER B 19 10.09 -21.08 -1.07
C SER B 19 9.92 -21.21 0.42
N ASN B 20 10.82 -21.95 1.08
CA ASN B 20 10.71 -22.28 2.50
C ASN B 20 9.40 -23.04 2.82
N HIS B 21 8.75 -23.56 1.77
CA HIS B 21 7.46 -24.24 1.86
C HIS B 21 7.40 -25.26 3.02
N LEU B 22 8.46 -26.04 3.18
CA LEU B 22 8.56 -26.96 4.31
C LEU B 22 8.35 -26.27 5.64
N LEU B 23 8.95 -25.08 5.77
CA LEU B 23 9.00 -24.42 7.06
C LEU B 23 7.59 -23.97 7.43
N TRP B 24 6.84 -23.62 6.40
CA TRP B 24 5.48 -23.17 6.64
C TRP B 24 4.65 -24.38 7.07
N SER B 25 4.92 -25.57 6.53
CA SER B 25 4.16 -26.75 6.97
C SER B 25 4.47 -27.03 8.43
N LYS B 26 5.76 -27.03 8.75
CA LYS B 26 6.25 -27.19 10.12
C LYS B 26 5.57 -26.29 11.15
N PHE B 27 5.41 -25.01 10.84
CA PHE B 27 4.77 -24.12 11.80
C PHE B 27 3.24 -24.27 11.72
N ASN B 28 2.73 -24.83 10.62
CA ASN B 28 1.28 -24.78 10.35
C ASN B 28 0.45 -25.73 11.19
N GLN B 29 0.79 -27.01 11.10
CA GLN B 29 0.11 -28.10 11.82
C GLN B 29 0.03 -27.91 13.32
N HIS B 30 1.04 -27.24 13.86
CA HIS B 30 1.08 -26.98 15.29
C HIS B 30 0.57 -25.56 15.49
N GLN B 31 -0.25 -25.11 14.53
CA GLN B 31 -0.94 -23.82 14.49
C GLN B 31 -0.06 -22.58 14.78
N THR B 32 0.20 -21.82 13.71
CA THR B 32 1.25 -20.77 13.69
C THR B 32 0.98 -19.54 14.55
N GLU B 33 2.04 -18.94 15.11
CA GLU B 33 1.86 -17.79 16.01
C GLU B 33 2.89 -16.71 15.75
N MET B 34 2.41 -15.51 15.38
CA MET B 34 3.27 -14.34 15.15
C MET B 34 3.10 -13.34 16.29
N ILE B 35 4.20 -12.93 16.88
CA ILE B 35 4.18 -12.04 18.02
C ILE B 35 4.08 -10.64 17.52
N ILE B 36 3.15 -9.84 18.02
CA ILE B 36 2.99 -8.47 17.55
C ILE B 36 3.41 -7.54 18.68
N THR B 37 3.90 -6.37 18.32
CA THR B 37 4.46 -5.44 19.30
C THR B 37 4.30 -4.00 18.85
N LYS B 38 4.08 -3.12 19.84
CA LYS B 38 4.04 -1.67 19.70
C LYS B 38 5.10 -1.13 18.74
N GLN B 39 6.35 -1.57 18.92
CA GLN B 39 7.43 -1.06 18.08
C GLN B 39 7.42 -1.73 16.71
N GLY B 40 7.10 -3.02 16.70
CA GLY B 40 7.01 -3.75 15.45
C GLY B 40 7.79 -5.02 15.58
N ARG B 41 7.39 -6.04 14.82
CA ARG B 41 8.03 -7.37 14.89
C ARG B 41 7.92 -8.05 13.53
N ARG B 42 8.99 -8.69 13.06
CA ARG B 42 8.87 -9.32 11.74
C ARG B 42 8.26 -10.69 11.81
N MET B 43 7.52 -11.04 10.78
CA MET B 43 7.09 -12.42 10.61
C MET B 43 8.21 -13.50 10.68
N PHE B 44 7.87 -14.65 11.25
CA PHE B 44 8.75 -15.83 11.17
C PHE B 44 7.91 -17.05 11.09
N PRO B 45 8.05 -17.83 10.03
CA PRO B 45 9.00 -17.66 8.92
C PRO B 45 8.52 -16.60 7.87
N PHE B 46 9.25 -15.50 7.75
CA PHE B 46 8.79 -14.44 6.92
C PHE B 46 8.52 -14.93 5.49
N LEU B 47 7.32 -14.60 5.02
CA LEU B 47 6.80 -14.96 3.71
C LEU B 47 7.88 -14.69 2.68
N SER B 48 8.21 -15.66 1.84
CA SER B 48 9.30 -15.45 0.88
C SER B 48 9.25 -16.47 -0.23
N PHE B 49 9.03 -16.02 -1.46
CA PHE B 49 8.92 -17.04 -2.47
C PHE B 49 9.33 -16.67 -3.90
N THR B 50 8.72 -17.39 -4.83
CA THR B 50 9.19 -17.44 -6.19
C THR B 50 8.06 -17.35 -7.19
N VAL B 51 8.35 -16.66 -8.30
CA VAL B 51 7.35 -16.32 -9.30
C VAL B 51 7.87 -16.57 -10.73
N ALA B 52 6.97 -17.00 -11.60
CA ALA B 52 7.25 -17.19 -13.03
C ALA B 52 5.97 -17.03 -13.84
N GLY B 53 6.12 -16.97 -15.16
CA GLY B 53 4.98 -16.85 -16.05
C GLY B 53 4.78 -15.40 -16.44
N LEU B 54 5.79 -14.61 -16.13
CA LEU B 54 5.74 -13.18 -16.36
C LEU B 54 6.60 -12.78 -17.59
N GLU B 55 6.47 -11.54 -18.07
CA GLU B 55 7.29 -11.01 -19.17
C GLU B 55 8.49 -10.25 -18.61
N PRO B 56 9.66 -10.44 -19.23
CA PRO B 56 10.96 -10.02 -18.68
C PRO B 56 11.15 -8.52 -18.58
N THR B 57 10.87 -7.80 -19.66
CA THR B 57 11.08 -6.36 -19.68
C THR B 57 9.78 -5.58 -19.57
N SER B 58 8.68 -6.30 -19.36
CA SER B 58 7.49 -5.71 -18.78
C SER B 58 7.82 -5.58 -17.29
N HIS B 59 7.02 -4.87 -16.51
CA HIS B 59 7.21 -4.89 -15.06
C HIS B 59 5.94 -4.75 -14.22
N TYR B 60 6.07 -5.05 -12.93
CA TYR B 60 4.92 -5.37 -12.07
C TYR B 60 5.00 -4.86 -10.62
N ARG B 61 3.82 -4.76 -10.00
CA ARG B 61 3.62 -4.37 -8.61
C ARG B 61 3.59 -5.55 -7.62
N MET B 62 4.41 -5.52 -6.58
CA MET B 62 4.31 -6.56 -5.54
C MET B 62 4.24 -6.09 -4.09
N PHE B 63 3.05 -6.22 -3.56
CA PHE B 63 2.77 -5.94 -2.17
C PHE B 63 2.02 -7.11 -1.54
N VAL B 64 2.03 -7.19 -0.22
CA VAL B 64 1.31 -8.28 0.39
C VAL B 64 0.38 -7.62 1.35
N ASP B 65 -0.79 -8.21 1.54
CA ASP B 65 -1.70 -7.77 2.56
C ASP B 65 -2.18 -9.00 3.31
N VAL B 66 -2.22 -8.89 4.64
CA VAL B 66 -2.68 -9.98 5.46
C VAL B 66 -4.17 -9.82 5.78
N VAL B 67 -4.99 -10.64 5.10
CA VAL B 67 -6.43 -10.67 5.30
C VAL B 67 -6.81 -11.51 6.51
N LEU B 68 -7.92 -11.15 7.15
CA LEU B 68 -8.45 -11.85 8.32
C LEU B 68 -9.42 -13.01 7.98
N VAL B 69 -9.12 -14.20 8.48
CA VAL B 69 -9.82 -15.43 8.09
C VAL B 69 -11.20 -15.57 8.69
N ASP B 70 -11.34 -15.20 9.97
CA ASP B 70 -12.68 -15.03 10.48
C ASP B 70 -12.79 -14.16 11.74
N GLN B 71 -14.00 -13.61 11.85
CA GLN B 71 -14.45 -12.62 12.83
C GLN B 71 -13.94 -12.85 14.25
N HIS B 72 -13.80 -14.12 14.63
CA HIS B 72 -13.85 -14.47 16.04
C HIS B 72 -12.55 -14.23 16.81
N HIS B 73 -12.74 -13.93 18.09
CA HIS B 73 -11.71 -13.77 19.08
C HIS B 73 -11.13 -15.19 19.35
N TRP B 74 -9.97 -15.32 19.97
CA TRP B 74 -9.41 -16.67 20.18
C TRP B 74 -8.73 -16.79 21.55
N ARG B 75 -8.63 -18.01 22.08
CA ARG B 75 -8.00 -18.28 23.38
C ARG B 75 -7.36 -19.64 23.45
N TYR B 76 -6.40 -19.82 24.37
CA TYR B 76 -5.65 -21.09 24.44
C TYR B 76 -5.97 -21.85 25.67
N GLN B 77 -7.02 -22.66 25.60
CA GLN B 77 -7.31 -23.63 26.63
C GLN B 77 -6.45 -24.85 26.44
N SER B 78 -5.99 -25.48 27.53
CA SER B 78 -5.39 -26.85 27.52
C SER B 78 -4.61 -27.18 26.24
N GLY B 79 -3.82 -26.21 25.77
CA GLY B 79 -3.19 -26.31 24.46
C GLY B 79 -4.15 -26.45 23.27
N LYS B 80 -5.21 -25.62 23.22
CA LYS B 80 -6.22 -25.70 22.16
C LYS B 80 -6.70 -24.30 21.82
N TRP B 81 -6.68 -23.98 20.54
CA TRP B 81 -7.24 -22.73 20.09
C TRP B 81 -8.75 -22.86 19.94
N VAL B 82 -9.44 -21.96 20.62
CA VAL B 82 -10.89 -21.95 20.64
C VAL B 82 -11.34 -20.49 20.56
N GLN B 83 -12.49 -20.32 19.91
CA GLN B 83 -13.19 -19.07 19.75
C GLN B 83 -13.64 -18.54 21.11
N CYS B 84 -13.88 -17.24 21.22
CA CYS B 84 -14.39 -16.65 22.45
C CYS B 84 -15.28 -15.47 22.10
N GLY B 85 -15.89 -14.85 23.11
CA GLY B 85 -16.75 -13.69 22.90
C GLY B 85 -17.74 -13.87 21.77
N LYS B 86 -17.71 -12.98 20.78
CA LYS B 86 -18.52 -13.06 19.55
C LYS B 86 -18.03 -12.07 18.48
N ALA B 87 -18.51 -12.24 17.24
CA ALA B 87 -18.00 -11.52 16.07
C ALA B 87 -18.02 -9.99 16.19
N GLU B 88 -16.93 -9.31 15.76
CA GLU B 88 -16.86 -7.84 15.88
C GLU B 88 -16.08 -6.97 14.87
N GLY B 89 -15.68 -7.41 13.68
CA GLY B 89 -16.07 -8.62 12.96
C GLY B 89 -15.85 -8.26 11.50
N SER B 90 -14.82 -7.43 11.26
CA SER B 90 -14.30 -7.04 9.94
C SER B 90 -13.89 -8.19 9.01
N MET B 91 -13.03 -7.94 8.01
CA MET B 91 -12.47 -9.05 7.23
C MET B 91 -10.98 -8.89 6.79
N PRO B 92 -10.46 -7.66 6.61
CA PRO B 92 -8.98 -7.54 6.56
C PRO B 92 -8.37 -6.63 7.64
N GLY B 93 -7.87 -5.47 7.24
CA GLY B 93 -7.17 -4.51 8.10
C GLY B 93 -6.17 -5.06 9.12
N ASN B 94 -4.95 -5.49 8.73
CA ASN B 94 -4.20 -5.22 7.49
C ASN B 94 -3.81 -3.75 7.27
N ARG B 95 -2.62 -3.60 6.73
CA ARG B 95 -2.15 -2.35 6.19
C ARG B 95 -1.05 -2.88 5.37
N LEU B 96 -1.04 -2.48 4.11
CA LEU B 96 -0.22 -3.17 3.13
C LEU B 96 1.29 -3.23 3.42
N TYR B 97 1.98 -4.17 2.79
CA TYR B 97 3.42 -4.05 2.70
C TYR B 97 3.92 -4.41 1.31
N VAL B 98 4.21 -3.32 0.54
CA VAL B 98 4.80 -3.31 -0.79
C VAL B 98 6.30 -3.54 -0.73
N HIS B 99 6.80 -4.48 -1.54
CA HIS B 99 8.21 -4.81 -1.53
C HIS B 99 9.13 -3.60 -1.56
N PRO B 100 10.11 -3.52 -0.64
CA PRO B 100 10.99 -2.35 -0.71
C PRO B 100 11.58 -2.09 -2.09
N ASP B 101 11.73 -3.16 -2.89
CA ASP B 101 12.29 -3.05 -4.24
C ASP B 101 11.25 -3.25 -5.36
N SER B 102 10.03 -2.75 -5.11
CA SER B 102 8.96 -2.67 -6.10
C SER B 102 8.57 -1.23 -6.30
N PRO B 103 8.27 -0.84 -7.54
CA PRO B 103 8.22 -1.76 -8.70
C PRO B 103 9.57 -2.08 -9.27
N ASN B 104 9.64 -3.12 -10.10
CA ASN B 104 10.93 -3.45 -10.69
C ASN B 104 10.67 -4.47 -11.81
N THR B 105 11.66 -4.70 -12.67
CA THR B 105 11.42 -5.42 -13.93
C THR B 105 10.79 -6.77 -13.70
N GLY B 106 9.97 -7.21 -14.65
CA GLY B 106 9.40 -8.54 -14.57
C GLY B 106 10.51 -9.55 -14.41
N ALA B 107 11.54 -9.42 -15.25
CA ALA B 107 12.66 -10.33 -15.18
C ALA B 107 13.37 -10.25 -13.84
N HIS B 108 13.46 -9.04 -13.27
CA HIS B 108 14.10 -8.87 -11.95
C HIS B 108 13.41 -9.59 -10.82
N TRP B 109 12.11 -9.80 -10.96
CA TRP B 109 11.42 -10.63 -10.00
C TRP B 109 11.96 -12.04 -10.19
N MET B 110 11.82 -12.57 -11.40
CA MET B 110 12.32 -13.91 -11.69
C MET B 110 13.79 -14.19 -11.44
N ARG B 111 14.61 -13.15 -11.28
CA ARG B 111 16.03 -13.40 -11.00
C ARG B 111 16.29 -13.81 -9.54
N GLN B 112 15.25 -13.74 -8.71
CA GLN B 112 15.49 -13.88 -7.29
C GLN B 112 14.24 -14.43 -6.64
N GLU B 113 14.37 -14.93 -5.40
CA GLU B 113 13.23 -15.00 -4.50
C GLU B 113 12.66 -13.61 -4.30
N VAL B 114 11.38 -13.54 -3.95
CA VAL B 114 10.85 -12.29 -3.43
C VAL B 114 10.58 -12.44 -1.92
N SER B 115 11.59 -12.06 -1.14
CA SER B 115 11.57 -12.16 0.31
C SER B 115 10.93 -10.91 0.92
N PHE B 116 10.21 -11.10 2.04
CA PHE B 116 9.61 -9.99 2.76
C PHE B 116 10.16 -10.01 4.17
N GLY B 117 11.47 -10.26 4.29
CA GLY B 117 12.10 -10.53 5.57
C GLY B 117 12.06 -9.43 6.61
N LYS B 118 11.61 -8.24 6.23
CA LYS B 118 11.52 -7.11 7.16
C LYS B 118 10.10 -6.59 7.44
N LEU B 119 9.09 -7.13 6.74
CA LEU B 119 7.69 -6.76 6.98
C LEU B 119 7.45 -6.72 8.45
N LYS B 120 7.02 -5.62 9.04
CA LYS B 120 6.77 -5.69 10.48
C LYS B 120 5.28 -5.75 10.83
N LEU B 121 5.01 -6.36 12.01
CA LEU B 121 3.64 -6.42 12.56
C LEU B 121 3.50 -5.72 13.92
N THR B 122 2.33 -5.17 14.18
CA THR B 122 2.16 -4.32 15.38
C THR B 122 0.72 -4.16 15.90
N ASN B 123 0.57 -3.35 16.95
CA ASN B 123 -0.74 -3.07 17.57
C ASN B 123 -1.08 -1.58 17.76
N ASN B 124 -0.36 -0.68 17.07
CA ASN B 124 -0.67 0.77 17.10
C ASN B 124 -1.34 1.32 15.84
N LYS B 125 -2.68 1.36 15.83
CA LYS B 125 -3.45 1.85 14.69
C LYS B 125 -3.40 3.39 14.62
N GLY B 126 -2.79 3.99 15.64
CA GLY B 126 -2.34 5.38 15.60
C GLY B 126 -0.83 5.27 15.59
N ALA B 127 -0.28 5.05 14.40
CA ALA B 127 1.11 4.66 14.22
C ALA B 127 2.05 5.82 13.96
N SER B 128 1.88 6.89 14.74
CA SER B 128 2.86 7.96 14.83
C SER B 128 2.98 8.76 13.51
N ASN B 129 1.82 9.27 13.08
CA ASN B 129 1.54 9.96 11.81
C ASN B 129 2.09 9.14 10.64
N ASN B 130 2.06 7.83 10.82
CA ASN B 130 2.77 6.81 10.02
C ASN B 130 4.32 6.96 10.03
N VAL B 131 5.00 7.25 8.92
CA VAL B 131 6.42 6.90 8.76
C VAL B 131 6.59 5.48 9.38
N THR B 132 5.82 4.51 8.84
CA THR B 132 5.84 3.11 9.31
C THR B 132 5.93 2.08 8.18
N GLN B 133 4.84 1.93 7.41
CA GLN B 133 4.69 0.90 6.38
C GLN B 133 4.84 -0.48 7.04
N MET B 134 4.02 -0.69 8.04
CA MET B 134 4.03 -1.92 8.75
C MET B 134 2.61 -2.26 9.07
N ILE B 135 2.34 -3.57 9.05
CA ILE B 135 1.01 -4.07 9.30
C ILE B 135 0.72 -3.92 10.76
N VAL B 136 -0.47 -3.43 11.04
CA VAL B 136 -0.91 -3.18 12.39
C VAL B 136 -2.05 -4.16 12.62
N LEU B 137 -1.85 -5.07 13.58
CA LEU B 137 -2.81 -6.15 13.82
C LEU B 137 -3.33 -6.19 15.25
N GLN B 138 -4.51 -6.79 15.45
CA GLN B 138 -5.05 -6.92 16.80
C GLN B 138 -4.67 -8.27 17.39
N SER B 139 -4.28 -8.28 18.67
CA SER B 139 -3.93 -9.54 19.34
C SER B 139 -5.03 -10.56 19.18
N LEU B 140 -4.63 -11.82 19.10
CA LEU B 140 -5.58 -12.94 19.21
C LEU B 140 -6.67 -13.00 18.16
N HIS B 141 -6.28 -13.01 16.90
CA HIS B 141 -7.22 -13.23 15.80
C HIS B 141 -6.54 -14.10 14.73
N LYS B 142 -7.33 -14.71 13.86
CA LYS B 142 -6.70 -15.55 12.85
C LYS B 142 -6.76 -14.81 11.53
N TYR B 143 -5.56 -14.62 10.98
CA TYR B 143 -5.31 -13.89 9.74
C TYR B 143 -4.76 -14.80 8.65
N GLN B 144 -4.48 -14.24 7.48
CA GLN B 144 -3.91 -15.02 6.38
C GLN B 144 -3.18 -14.10 5.38
N PRO B 145 -1.85 -14.26 5.24
CA PRO B 145 -1.17 -13.46 4.23
C PRO B 145 -1.64 -13.79 2.83
N ARG B 146 -1.71 -12.74 2.02
CA ARG B 146 -2.22 -12.82 0.67
C ARG B 146 -1.32 -11.90 -0.13
N LEU B 147 -0.74 -12.37 -1.24
CA LEU B 147 0.08 -11.49 -2.11
C LEU B 147 -0.44 -11.40 -3.53
N HIS B 148 -0.40 -10.18 -4.05
CA HIS B 148 -0.93 -9.88 -5.37
C HIS B 148 0.18 -9.42 -6.26
N ILE B 149 -0.03 -9.61 -7.55
CA ILE B 149 0.86 -9.01 -8.51
C ILE B 149 -0.07 -8.40 -9.54
N VAL B 150 -0.35 -7.12 -9.34
CA VAL B 150 -1.10 -6.31 -10.30
C VAL B 150 -0.09 -5.81 -11.34
N GLU B 151 -0.41 -6.02 -12.61
CA GLU B 151 0.45 -5.60 -13.70
C GLU B 151 0.12 -4.14 -14.14
N VAL B 152 1.15 -3.36 -14.46
CA VAL B 152 0.94 -1.93 -14.65
C VAL B 152 1.27 -1.45 -16.06
N ASN B 153 0.26 -0.88 -16.70
CA ASN B 153 0.34 -0.45 -18.09
C ASN B 153 0.66 1.03 -18.30
N ASP B 154 0.73 1.41 -19.59
CA ASP B 154 0.79 2.80 -20.04
C ASP B 154 -0.23 2.99 -21.14
N GLY B 155 -0.92 4.12 -21.12
CA GLY B 155 -2.07 4.31 -22.00
C GLY B 155 -3.35 4.09 -21.23
N GLU B 156 -4.25 5.08 -21.26
CA GLU B 156 -5.41 5.10 -20.36
C GLU B 156 -6.78 5.42 -21.01
N PRO B 157 -7.41 4.44 -21.69
CA PRO B 157 -8.77 4.50 -22.25
C PRO B 157 -9.92 4.74 -21.26
N GLU B 158 -11.15 4.71 -21.79
CA GLU B 158 -12.38 4.71 -21.00
C GLU B 158 -12.71 3.33 -20.44
N ALA B 159 -12.52 2.30 -21.27
CA ALA B 159 -12.76 0.90 -20.91
C ALA B 159 -14.22 0.58 -20.71
N ALA B 160 -14.51 -0.67 -20.38
CA ALA B 160 -15.88 -1.11 -20.11
C ALA B 160 -15.91 -2.40 -19.30
N CYS B 161 -16.59 -2.36 -18.16
CA CYS B 161 -16.83 -3.52 -17.28
C CYS B 161 -15.62 -4.42 -16.93
N SER B 162 -14.56 -4.37 -17.75
CA SER B 162 -13.35 -5.14 -17.50
C SER B 162 -12.27 -4.28 -16.85
N ALA B 163 -11.66 -4.80 -15.80
CA ALA B 163 -10.61 -4.07 -15.10
C ALA B 163 -9.67 -5.10 -14.48
N SER B 164 -9.37 -6.10 -15.30
CA SER B 164 -8.29 -7.02 -15.00
C SER B 164 -6.99 -6.33 -15.48
N ASN B 165 -5.86 -6.71 -14.90
CA ASN B 165 -5.84 -7.89 -14.06
C ASN B 165 -6.23 -7.54 -12.63
N THR B 166 -7.10 -8.40 -12.11
CA THR B 166 -7.86 -8.26 -10.88
C THR B 166 -7.38 -9.48 -10.18
N HIS B 167 -6.15 -9.34 -9.70
CA HIS B 167 -5.30 -10.48 -9.48
C HIS B 167 -4.89 -10.61 -8.01
N VAL B 168 -5.09 -11.80 -7.47
CA VAL B 168 -4.87 -12.06 -6.06
C VAL B 168 -4.28 -13.45 -5.76
N PHE B 169 -3.22 -13.53 -4.96
CA PHE B 169 -2.73 -14.84 -4.55
C PHE B 169 -2.76 -14.97 -3.03
N THR B 170 -3.18 -16.15 -2.57
CA THR B 170 -3.36 -16.50 -1.17
C THR B 170 -2.57 -17.77 -0.86
N PHE B 171 -2.05 -17.91 0.37
CA PHE B 171 -1.48 -19.16 0.87
C PHE B 171 -2.17 -19.49 2.17
N GLN B 172 -2.80 -20.65 2.26
CA GLN B 172 -3.57 -20.96 3.47
C GLN B 172 -2.68 -21.65 4.49
N GLU B 173 -1.60 -22.29 4.01
CA GLU B 173 -0.61 -22.88 4.90
C GLU B 173 0.31 -21.82 5.51
N THR B 174 -0.20 -20.60 5.59
CA THR B 174 0.52 -19.46 6.11
C THR B 174 -0.40 -18.70 7.02
N GLN B 175 -1.54 -19.29 7.41
CA GLN B 175 -2.41 -18.58 8.36
C GLN B 175 -1.62 -18.36 9.63
N PHE B 176 -2.15 -17.56 10.54
CA PHE B 176 -1.56 -17.50 11.88
C PHE B 176 -2.42 -16.69 12.80
N ILE B 177 -1.90 -16.51 13.99
CA ILE B 177 -2.61 -15.91 15.09
C ILE B 177 -1.76 -14.78 15.63
N ALA B 178 -2.38 -13.67 15.93
CA ALA B 178 -1.56 -12.59 16.44
C ALA B 178 -1.44 -12.77 17.91
N VAL B 179 -0.24 -12.90 18.43
CA VAL B 179 -0.17 -13.03 19.86
C VAL B 179 0.78 -12.05 20.46
N THR B 180 0.47 -11.60 21.67
CA THR B 180 1.37 -10.72 22.40
C THR B 180 2.55 -11.45 22.99
N ALA B 181 2.42 -12.78 23.08
CA ALA B 181 3.49 -13.63 23.58
C ALA B 181 3.12 -15.05 23.20
N TYR B 182 4.09 -15.93 23.03
CA TYR B 182 3.75 -17.27 22.54
C TYR B 182 2.92 -18.12 23.52
N GLN B 183 2.06 -18.94 22.94
CA GLN B 183 1.19 -19.83 23.67
C GLN B 183 1.65 -21.30 23.70
N ASN B 184 1.31 -22.02 22.62
CA ASN B 184 1.86 -23.33 22.35
C ASN B 184 3.35 -23.19 22.62
N ALA B 185 3.97 -24.15 23.27
CA ALA B 185 5.38 -23.99 23.58
C ALA B 185 6.22 -24.66 22.51
N GLU B 186 5.57 -25.47 21.67
CA GLU B 186 6.23 -26.13 20.55
C GLU B 186 6.67 -25.10 19.59
N ILE B 187 5.84 -24.08 19.45
CA ILE B 187 6.09 -23.01 18.47
C ILE B 187 7.25 -22.16 18.92
N THR B 188 7.25 -21.65 20.15
CA THR B 188 8.47 -21.07 20.69
C THR B 188 9.70 -21.92 20.38
N GLN B 189 9.63 -23.22 20.65
CA GLN B 189 10.78 -24.07 20.30
C GLN B 189 11.04 -23.99 18.79
N LEU B 190 10.02 -24.29 17.98
CA LEU B 190 10.13 -24.22 16.53
C LEU B 190 10.75 -22.93 16.01
N LYS B 191 10.36 -21.81 16.61
CA LYS B 191 10.98 -20.53 16.31
C LYS B 191 12.42 -20.62 16.76
N ILE B 192 12.65 -20.75 18.08
CA ILE B 192 14.00 -20.83 18.63
C ILE B 192 14.99 -21.59 17.76
N ASP B 193 14.62 -22.73 17.19
CA ASP B 193 15.64 -23.43 16.40
C ASP B 193 15.86 -22.78 15.03
N ASN B 194 14.77 -22.38 14.36
CA ASN B 194 14.91 -21.83 13.03
C ASN B 194 15.25 -20.35 12.99
N ASN B 195 15.26 -19.71 14.15
CA ASN B 195 15.57 -18.28 14.15
C ASN B 195 16.99 -18.00 14.60
N PRO B 196 17.77 -17.44 13.66
CA PRO B 196 19.18 -17.08 13.81
C PRO B 196 19.40 -16.01 14.86
N PHE B 197 18.36 -15.24 15.18
CA PHE B 197 18.54 -14.22 16.21
C PHE B 197 18.19 -14.83 17.55
N ALA B 198 17.93 -16.14 17.56
CA ALA B 198 17.35 -16.79 18.73
C ALA B 198 18.17 -17.95 19.19
N LYS B 199 19.42 -18.01 18.80
CA LYS B 199 20.15 -19.24 19.09
C LYS B 199 21.01 -19.08 20.32
N GLY B 200 20.94 -17.90 20.95
CA GLY B 200 21.41 -17.78 22.31
C GLY B 200 20.68 -18.81 23.17
N PHE B 201 19.41 -19.03 22.84
CA PHE B 201 18.48 -19.76 23.68
C PHE B 201 18.19 -21.19 23.19
N ARG B 202 19.23 -21.96 22.91
CA ARG B 202 19.05 -23.38 22.56
C ARG B 202 20.12 -24.23 23.22
N GLU B 203 21.29 -23.63 23.37
CA GLU B 203 22.42 -24.25 24.03
C GLU B 203 22.18 -24.10 25.53
N ASN B 204 21.20 -23.27 25.86
CA ASN B 204 20.66 -23.10 27.22
C ASN B 204 19.99 -24.36 27.76
#